data_6TC8
#
_entry.id   6TC8
#
_entity_poly.entity_id   1
_entity_poly.type   'polydeoxyribonucleotide'
_entity_poly.pdbx_seq_one_letter_code
;(DG)(DG)(DG)(DA)(DT)(DG)(DG)(DG)(DA)(DC)(DA)(DC)(DA)(GFL)(GF2)(DG)(DG)(DA)(DC)
(DG)(DG)(DG)
;
_entity_poly.pdbx_strand_id   A
#